data_1OKC
#
_entry.id   1OKC
#
_cell.length_a   85.437
_cell.length_b   83.463
_cell.length_c   49.922
_cell.angle_alpha   90.00
_cell.angle_beta   90.00
_cell.angle_gamma   90.00
#
_symmetry.space_group_name_H-M   'P 21 21 2'
#
loop_
_entity.id
_entity.type
_entity.pdbx_description
1 polymer 'ADP, ATP CARRIER PROTEIN HEART ISOFORM T1'
2 non-polymer Carboxyatractyloside
3 non-polymer CARDIOLIPIN
4 non-polymer "3-LAURYLAMIDO-N,N'-DIMETHYLPROPYLAMINOXYDE"
5 non-polymer 1,2-DIACYL-SN-GLYCERO-3-PHOSPHOCHOLINE
6 water water
#
_entity_poly.entity_id   1
_entity_poly.type   'polypeptide(L)'
_entity_poly.pdbx_seq_one_letter_code
;SDQALSFLKDFLAGGVAAAISKTAVAPIERVKLLLQVQHASKQISAEKQYKGIIDCVVRIPKEQGFLSFWRGNLANVIRY
FPTQALNFAFKDKYKQIFLGGVDRHKQFWRYFAGNLASGGAAGATSLCFVYPLDFARTRLAADVGKGAAQREFTGLGNCI
TKIFKSDGLRGLYQGFNVSVQGIIIYRAAYFGVYDTAKGMLPDPKNVHIIVSWMIAQTVTAVAGLVSYPFDTVRRRMMMQ
SGRKGADIMYTGTVDCWRKIAKDEGPKAFFKGAWSNVLRGMGGAFVLVLYDEIKKFV
;
_entity_poly.pdbx_strand_id   A
#
loop_
_chem_comp.id
_chem_comp.type
_chem_comp.name
_chem_comp.formula
CDL non-polymer CARDIOLIPIN 'C81 H156 O17 P2 -2'
CXT non-polymer Carboxyatractyloside 'C31 H46 O18 S2'
LDM non-polymer 3-LAURYLAMIDO-N,N'-DIMETHYLPROPYLAMINOXYDE 'C17 H36 N2 O2'
PC1 non-polymer 1,2-DIACYL-SN-GLYCERO-3-PHOSPHOCHOLINE 'C44 H88 N O8 P'
#
# COMPACT_ATOMS: atom_id res chain seq x y z
N ASP A 2 28.88 10.78 -12.95
CA ASP A 2 28.32 9.79 -13.91
C ASP A 2 28.70 8.37 -13.49
N GLN A 3 29.56 8.28 -12.49
CA GLN A 3 30.03 6.99 -11.98
C GLN A 3 28.92 5.99 -11.77
N ALA A 4 29.06 4.83 -12.39
CA ALA A 4 28.07 3.76 -12.24
C ALA A 4 28.07 3.41 -10.76
N LEU A 5 29.25 3.50 -10.15
CA LEU A 5 29.42 3.19 -8.74
C LEU A 5 28.60 4.10 -7.84
N SER A 6 28.64 5.40 -8.12
CA SER A 6 27.88 6.38 -7.34
C SER A 6 26.39 6.06 -7.45
N PHE A 7 25.94 5.77 -8.67
CA PHE A 7 24.55 5.44 -8.92
C PHE A 7 24.13 4.20 -8.10
N LEU A 8 25.01 3.21 -8.06
CA LEU A 8 24.73 1.98 -7.33
C LEU A 8 24.64 2.27 -5.84
N LYS A 9 25.54 3.11 -5.36
CA LYS A 9 25.56 3.49 -3.94
C LYS A 9 24.26 4.19 -3.58
N ASP A 10 23.81 5.10 -4.44
CA ASP A 10 22.57 5.82 -4.19
C ASP A 10 21.42 4.82 -4.20
N PHE A 11 21.40 3.98 -5.22
CA PHE A 11 20.37 2.97 -5.37
C PHE A 11 20.22 2.11 -4.13
N LEU A 12 21.33 1.58 -3.63
CA LEU A 12 21.32 0.72 -2.45
C LEU A 12 20.92 1.49 -1.20
N ALA A 13 21.42 2.71 -1.06
CA ALA A 13 21.10 3.54 0.10
C ALA A 13 19.59 3.79 0.16
N GLY A 14 18.98 4.03 -1.00
CA GLY A 14 17.55 4.28 -1.04
C GLY A 14 16.82 3.03 -0.61
N GLY A 15 17.31 1.86 -1.05
CA GLY A 15 16.70 0.60 -0.69
C GLY A 15 16.84 0.32 0.79
N VAL A 16 17.94 0.80 1.38
CA VAL A 16 18.17 0.60 2.81
C VAL A 16 17.21 1.47 3.61
N ALA A 17 17.07 2.73 3.20
CA ALA A 17 16.19 3.67 3.88
C ALA A 17 14.74 3.17 3.83
N ALA A 18 14.28 2.79 2.64
CA ALA A 18 12.92 2.29 2.48
C ALA A 18 12.69 1.03 3.33
N ALA A 19 13.70 0.17 3.41
CA ALA A 19 13.60 -1.07 4.17
C ALA A 19 13.50 -0.81 5.67
N ILE A 20 14.19 0.22 6.14
CA ILE A 20 14.16 0.56 7.55
C ILE A 20 12.84 1.17 8.00
N SER A 21 12.35 2.16 7.26
CA SER A 21 11.09 2.79 7.64
C SER A 21 9.92 1.83 7.55
N LYS A 22 9.85 1.03 6.49
CA LYS A 22 8.74 0.08 6.34
C LYS A 22 8.80 -1.01 7.39
N THR A 23 10.00 -1.47 7.71
CA THR A 23 10.14 -2.51 8.72
C THR A 23 9.74 -1.91 10.06
N ALA A 24 10.10 -0.65 10.26
CA ALA A 24 9.80 0.05 11.50
C ALA A 24 8.28 0.14 11.77
N VAL A 25 7.50 0.46 10.74
CA VAL A 25 6.06 0.59 10.92
C VAL A 25 5.25 -0.66 10.51
N ALA A 26 5.95 -1.77 10.27
CA ALA A 26 5.28 -3.01 9.86
C ALA A 26 4.24 -3.48 10.89
N PRO A 27 4.53 -3.31 12.19
CA PRO A 27 3.56 -3.75 13.21
C PRO A 27 2.22 -3.03 13.05
N ILE A 28 2.26 -1.71 12.95
CA ILE A 28 1.03 -0.95 12.79
C ILE A 28 0.41 -1.22 11.42
N GLU A 29 1.24 -1.54 10.43
CA GLU A 29 0.70 -1.82 9.11
C GLU A 29 -0.03 -3.16 9.15
N ARG A 30 0.46 -4.09 9.96
CA ARG A 30 -0.20 -5.39 10.06
C ARG A 30 -1.57 -5.23 10.73
N VAL A 31 -1.65 -4.35 11.73
CA VAL A 31 -2.91 -4.11 12.41
C VAL A 31 -3.88 -3.55 11.39
N LYS A 32 -3.41 -2.59 10.61
CA LYS A 32 -4.23 -1.96 9.58
C LYS A 32 -4.79 -3.04 8.64
N LEU A 33 -3.91 -3.90 8.13
CA LEU A 33 -4.30 -4.97 7.22
C LEU A 33 -5.27 -5.97 7.85
N LEU A 34 -5.01 -6.38 9.09
CA LEU A 34 -5.90 -7.32 9.77
C LEU A 34 -7.31 -6.74 9.92
N LEU A 35 -7.41 -5.51 10.40
CA LEU A 35 -8.72 -4.89 10.57
C LEU A 35 -9.41 -4.72 9.20
N GLN A 36 -8.63 -4.36 8.20
CA GLN A 36 -9.15 -4.14 6.85
C GLN A 36 -9.65 -5.41 6.14
N VAL A 37 -9.00 -6.56 6.37
CA VAL A 37 -9.38 -7.77 5.68
C VAL A 37 -9.87 -8.97 6.51
N GLN A 38 -9.86 -8.85 7.83
CA GLN A 38 -10.28 -10.00 8.64
C GLN A 38 -11.69 -10.49 8.31
N HIS A 39 -12.51 -9.63 7.73
CA HIS A 39 -13.87 -10.03 7.36
C HIS A 39 -13.81 -11.13 6.30
N ALA A 40 -12.76 -11.12 5.49
CA ALA A 40 -12.61 -12.12 4.43
C ALA A 40 -11.59 -13.20 4.77
N SER A 41 -11.33 -13.38 6.07
CA SER A 41 -10.38 -14.38 6.51
C SER A 41 -11.06 -15.72 6.81
N LYS A 42 -10.38 -16.80 6.45
CA LYS A 42 -10.87 -18.15 6.68
C LYS A 42 -10.56 -18.64 8.10
N GLN A 43 -9.56 -18.05 8.73
CA GLN A 43 -9.15 -18.45 10.08
C GLN A 43 -9.82 -17.66 11.19
N ILE A 44 -10.28 -16.46 10.87
CA ILE A 44 -10.90 -15.60 11.88
C ILE A 44 -12.43 -15.68 11.90
N SER A 45 -12.98 -16.26 12.96
CA SER A 45 -14.42 -16.36 13.11
C SER A 45 -14.86 -14.97 13.53
N ALA A 46 -16.11 -14.62 13.25
CA ALA A 46 -16.62 -13.30 13.59
C ALA A 46 -16.44 -13.01 15.06
N GLU A 47 -16.52 -14.04 15.88
CA GLU A 47 -16.37 -13.90 17.32
C GLU A 47 -14.92 -13.62 17.71
N LYS A 48 -13.97 -14.12 16.93
CA LYS A 48 -12.56 -13.90 17.25
C LYS A 48 -11.95 -12.71 16.53
N GLN A 49 -12.78 -11.93 15.85
CA GLN A 49 -12.27 -10.76 15.14
C GLN A 49 -11.69 -9.73 16.10
N TYR A 50 -10.67 -9.02 15.65
CA TYR A 50 -10.02 -7.99 16.46
C TYR A 50 -11.00 -6.83 16.59
N LYS A 51 -11.20 -6.37 17.83
CA LYS A 51 -12.14 -5.29 18.08
C LYS A 51 -11.58 -3.91 17.74
N GLY A 52 -10.27 -3.83 17.53
CA GLY A 52 -9.66 -2.56 17.18
C GLY A 52 -8.14 -2.60 17.22
N ILE A 53 -7.53 -1.42 17.20
CA ILE A 53 -6.07 -1.30 17.22
C ILE A 53 -5.47 -1.89 18.49
N ILE A 54 -5.95 -1.38 19.63
CA ILE A 54 -5.47 -1.83 20.92
C ILE A 54 -5.72 -3.30 21.14
N ASP A 55 -6.95 -3.74 20.89
CA ASP A 55 -7.28 -5.15 21.04
C ASP A 55 -6.37 -5.97 20.15
N CYS A 56 -6.06 -5.43 18.98
CA CYS A 56 -5.23 -6.13 18.04
C CYS A 56 -3.75 -6.20 18.49
N VAL A 57 -3.17 -5.06 18.85
CA VAL A 57 -1.77 -5.06 19.27
C VAL A 57 -1.48 -5.88 20.53
N VAL A 58 -2.45 -5.94 21.43
CA VAL A 58 -2.28 -6.71 22.66
C VAL A 58 -2.46 -8.21 22.42
N ARG A 59 -3.30 -8.57 21.46
CA ARG A 59 -3.56 -9.99 21.18
C ARG A 59 -2.55 -10.77 20.32
N ILE A 60 -2.03 -10.16 19.25
CA ILE A 60 -1.12 -10.91 18.39
C ILE A 60 0.16 -11.43 19.05
N PRO A 61 0.76 -10.66 19.97
CA PRO A 61 1.99 -11.17 20.61
C PRO A 61 1.76 -12.49 21.35
N LYS A 62 0.75 -12.53 22.22
CA LYS A 62 0.48 -13.75 22.98
C LYS A 62 -0.22 -14.81 22.13
N GLU A 63 -0.88 -14.38 21.07
CA GLU A 63 -1.59 -15.30 20.19
C GLU A 63 -0.66 -15.96 19.18
N GLN A 64 0.18 -15.15 18.54
CA GLN A 64 1.05 -15.65 17.49
C GLN A 64 2.54 -15.37 17.67
N GLY A 65 2.90 -14.69 18.75
CA GLY A 65 4.30 -14.38 18.97
C GLY A 65 4.62 -12.95 18.56
N PHE A 66 5.43 -12.27 19.36
CA PHE A 66 5.83 -10.89 19.11
C PHE A 66 6.37 -10.68 17.70
N LEU A 67 7.19 -11.63 17.26
CA LEU A 67 7.80 -11.56 15.94
C LEU A 67 6.75 -11.49 14.82
N SER A 68 5.57 -12.07 15.06
CA SER A 68 4.52 -12.07 14.06
C SER A 68 4.07 -10.66 13.66
N PHE A 69 4.49 -9.65 14.41
CA PHE A 69 4.14 -8.27 14.06
C PHE A 69 4.73 -7.94 12.69
N TRP A 70 5.80 -8.64 12.32
CA TRP A 70 6.46 -8.42 11.03
C TRP A 70 6.10 -9.49 10.01
N ARG A 71 5.02 -10.21 10.25
CA ARG A 71 4.62 -11.26 9.31
C ARG A 71 4.33 -10.66 7.94
N GLY A 72 5.01 -11.16 6.92
CA GLY A 72 4.83 -10.68 5.55
C GLY A 72 5.68 -9.46 5.21
N ASN A 73 6.53 -9.04 6.13
CA ASN A 73 7.37 -7.85 5.92
C ASN A 73 8.53 -8.01 4.93
N LEU A 74 8.93 -9.24 4.64
CA LEU A 74 10.03 -9.45 3.69
C LEU A 74 9.71 -8.76 2.36
N ALA A 75 8.47 -8.89 1.91
CA ALA A 75 8.06 -8.28 0.67
C ALA A 75 8.32 -6.78 0.73
N ASN A 76 8.09 -6.18 1.89
CA ASN A 76 8.32 -4.74 2.07
C ASN A 76 9.77 -4.31 1.79
N VAL A 77 10.75 -5.06 2.33
CA VAL A 77 12.14 -4.66 2.12
C VAL A 77 12.69 -4.96 0.74
N ILE A 78 12.04 -5.88 0.03
CA ILE A 78 12.47 -6.28 -1.32
C ILE A 78 11.90 -5.43 -2.47
N ARG A 79 10.62 -5.13 -2.40
CA ARG A 79 9.92 -4.38 -3.45
C ARG A 79 10.64 -3.19 -4.03
N TYR A 80 11.27 -2.37 -3.19
CA TYR A 80 12.00 -1.20 -3.63
C TYR A 80 12.93 -1.42 -4.83
N PHE A 81 13.72 -2.48 -4.76
CA PHE A 81 14.70 -2.78 -5.81
C PHE A 81 14.10 -2.98 -7.19
N PRO A 82 13.18 -3.95 -7.36
CA PRO A 82 12.65 -4.06 -8.71
C PRO A 82 11.85 -2.80 -9.09
N THR A 83 11.11 -2.26 -8.13
CA THR A 83 10.30 -1.06 -8.39
C THR A 83 11.13 0.11 -8.95
N GLN A 84 12.22 0.44 -8.27
CA GLN A 84 13.07 1.54 -8.72
C GLN A 84 13.81 1.19 -10.01
N ALA A 85 14.13 -0.08 -10.20
CA ALA A 85 14.82 -0.50 -11.42
C ALA A 85 13.87 -0.22 -12.57
N LEU A 86 12.60 -0.58 -12.38
CA LEU A 86 11.58 -0.36 -13.39
C LEU A 86 11.34 1.12 -13.65
N ASN A 87 11.32 1.93 -12.60
CA ASN A 87 11.12 3.36 -12.78
C ASN A 87 12.25 3.96 -13.60
N PHE A 88 13.47 3.46 -13.38
CA PHE A 88 14.64 3.94 -14.09
C PHE A 88 14.48 3.84 -15.61
N ALA A 89 13.75 2.82 -16.05
CA ALA A 89 13.54 2.62 -17.48
C ALA A 89 12.24 3.21 -18.01
N PHE A 90 11.24 3.40 -17.13
CA PHE A 90 9.96 3.91 -17.60
C PHE A 90 9.51 5.27 -17.12
N LYS A 91 9.67 5.54 -15.82
CA LYS A 91 9.20 6.79 -15.24
C LYS A 91 9.38 8.07 -16.05
N ASP A 92 10.61 8.43 -16.40
CA ASP A 92 10.78 9.65 -17.17
C ASP A 92 10.18 9.60 -18.58
N LYS A 93 10.21 8.43 -19.21
CA LYS A 93 9.64 8.29 -20.55
C LYS A 93 8.15 8.59 -20.53
N TYR A 94 7.45 8.10 -19.52
CA TYR A 94 6.02 8.35 -19.42
C TYR A 94 5.78 9.84 -19.22
N LYS A 95 6.63 10.48 -18.42
CA LYS A 95 6.48 11.91 -18.18
C LYS A 95 6.65 12.68 -19.48
N GLN A 96 7.66 12.32 -20.27
CA GLN A 96 7.89 12.97 -21.56
C GLN A 96 6.71 12.71 -22.49
N ILE A 97 6.21 11.48 -22.48
CA ILE A 97 5.09 11.10 -23.32
C ILE A 97 3.81 11.85 -22.98
N PHE A 98 3.45 11.88 -21.69
CA PHE A 98 2.21 12.56 -21.26
C PHE A 98 2.34 14.04 -20.93
N LEU A 99 3.56 14.55 -20.78
CA LEU A 99 3.71 15.96 -20.46
C LEU A 99 4.58 16.75 -21.43
N GLY A 100 5.25 16.07 -22.35
CA GLY A 100 6.09 16.77 -23.30
C GLY A 100 5.28 17.79 -24.09
N GLY A 101 5.81 19.01 -24.18
CA GLY A 101 5.13 20.06 -24.91
C GLY A 101 4.01 20.80 -24.18
N VAL A 102 3.68 20.38 -22.96
CA VAL A 102 2.62 21.07 -22.23
C VAL A 102 3.15 22.20 -21.36
N ASP A 103 2.51 23.36 -21.46
CA ASP A 103 2.91 24.52 -20.66
C ASP A 103 2.15 24.45 -19.35
N ARG A 104 2.87 24.11 -18.28
CA ARG A 104 2.32 23.99 -16.95
C ARG A 104 1.49 25.20 -16.52
N HIS A 105 1.99 26.40 -16.82
CA HIS A 105 1.31 27.63 -16.43
C HIS A 105 0.06 27.97 -17.23
N LYS A 106 0.16 27.87 -18.55
CA LYS A 106 -0.97 28.21 -19.42
C LYS A 106 -1.97 27.07 -19.64
N GLN A 107 -1.59 25.85 -19.25
CA GLN A 107 -2.48 24.70 -19.46
C GLN A 107 -2.61 23.83 -18.20
N PHE A 108 -3.10 24.42 -17.12
CA PHE A 108 -3.26 23.69 -15.87
C PHE A 108 -3.86 22.30 -15.95
N TRP A 109 -5.05 22.18 -16.53
CA TRP A 109 -5.72 20.89 -16.60
C TRP A 109 -5.04 19.86 -17.49
N ARG A 110 -4.57 20.28 -18.65
CA ARG A 110 -3.87 19.37 -19.54
C ARG A 110 -2.65 18.86 -18.79
N TYR A 111 -2.03 19.72 -17.98
CA TYR A 111 -0.87 19.31 -17.20
C TYR A 111 -1.31 18.35 -16.08
N PHE A 112 -2.40 18.71 -15.40
CA PHE A 112 -2.91 17.87 -14.32
C PHE A 112 -3.18 16.46 -14.85
N ALA A 113 -3.93 16.36 -15.93
CA ALA A 113 -4.26 15.05 -16.52
C ALA A 113 -2.99 14.33 -16.95
N GLY A 114 -2.04 15.06 -17.51
CA GLY A 114 -0.80 14.44 -17.94
C GLY A 114 -0.07 13.85 -16.76
N ASN A 115 -0.12 14.56 -15.64
CA ASN A 115 0.54 14.13 -14.42
C ASN A 115 -0.08 12.84 -13.88
N LEU A 116 -1.40 12.79 -13.91
CA LEU A 116 -2.12 11.61 -13.44
C LEU A 116 -1.84 10.38 -14.32
N ALA A 117 -1.86 10.59 -15.63
CA ALA A 117 -1.63 9.50 -16.59
C ALA A 117 -0.20 8.98 -16.45
N SER A 118 0.74 9.91 -16.25
CA SER A 118 2.14 9.54 -16.08
C SER A 118 2.33 8.70 -14.82
N GLY A 119 1.79 9.18 -13.71
CA GLY A 119 1.91 8.44 -12.45
C GLY A 119 1.19 7.11 -12.57
N GLY A 120 0.00 7.13 -13.14
CA GLY A 120 -0.76 5.90 -13.33
C GLY A 120 -0.07 4.89 -14.21
N ALA A 121 0.55 5.37 -15.29
CA ALA A 121 1.25 4.48 -16.22
C ALA A 121 2.49 3.87 -15.57
N ALA A 122 3.25 4.69 -14.83
CA ALA A 122 4.46 4.19 -14.16
C ALA A 122 4.09 3.21 -13.06
N GLY A 123 3.01 3.50 -12.34
CA GLY A 123 2.57 2.62 -11.28
C GLY A 123 2.08 1.27 -11.77
N ALA A 124 1.21 1.27 -12.78
CA ALA A 124 0.69 0.02 -13.34
C ALA A 124 1.83 -0.80 -13.95
N THR A 125 2.78 -0.13 -14.58
CA THR A 125 3.92 -0.82 -15.19
C THR A 125 4.74 -1.53 -14.12
N SER A 126 5.07 -0.81 -13.04
CA SER A 126 5.84 -1.41 -11.95
C SER A 126 5.06 -2.59 -11.34
N LEU A 127 3.77 -2.36 -11.08
CA LEU A 127 2.93 -3.40 -10.50
C LEU A 127 2.82 -4.65 -11.39
N CYS A 128 3.02 -4.50 -12.69
CA CYS A 128 2.98 -5.67 -13.57
C CYS A 128 4.05 -6.66 -13.10
N PHE A 129 5.08 -6.15 -12.43
CA PHE A 129 6.16 -6.99 -11.94
C PHE A 129 6.16 -7.23 -10.43
N VAL A 130 5.87 -6.20 -9.63
CA VAL A 130 5.91 -6.35 -8.18
C VAL A 130 4.60 -6.63 -7.45
N TYR A 131 3.47 -6.59 -8.15
CA TYR A 131 2.18 -6.85 -7.50
C TYR A 131 2.15 -8.15 -6.68
N PRO A 132 2.78 -9.24 -7.17
CA PRO A 132 2.75 -10.48 -6.39
C PRO A 132 3.34 -10.28 -5.00
N LEU A 133 4.32 -9.38 -4.90
CA LEU A 133 4.96 -9.08 -3.63
C LEU A 133 3.92 -8.38 -2.74
N ASP A 134 3.15 -7.45 -3.29
CA ASP A 134 2.12 -6.77 -2.48
C ASP A 134 1.10 -7.81 -2.07
N PHE A 135 0.77 -8.71 -3.00
CA PHE A 135 -0.20 -9.75 -2.72
C PHE A 135 0.23 -10.61 -1.54
N ALA A 136 1.46 -11.12 -1.59
CA ALA A 136 1.97 -11.98 -0.54
C ALA A 136 2.10 -11.23 0.79
N ARG A 137 2.50 -9.96 0.71
CA ARG A 137 2.65 -9.16 1.93
C ARG A 137 1.30 -9.14 2.64
N THR A 138 0.24 -8.97 1.86
CA THR A 138 -1.11 -8.92 2.42
C THR A 138 -1.59 -10.29 2.93
N ARG A 139 -1.45 -11.33 2.12
CA ARG A 139 -1.90 -12.65 2.53
C ARG A 139 -1.14 -13.14 3.77
N LEU A 140 0.15 -12.85 3.86
CA LEU A 140 0.93 -13.27 5.03
C LEU A 140 0.51 -12.45 6.24
N ALA A 141 0.26 -11.16 6.03
CA ALA A 141 -0.17 -10.31 7.14
C ALA A 141 -1.50 -10.83 7.71
N ALA A 142 -2.40 -11.26 6.83
CA ALA A 142 -3.71 -11.75 7.24
C ALA A 142 -3.68 -13.12 7.94
N ASP A 143 -2.63 -13.88 7.70
CA ASP A 143 -2.49 -15.21 8.29
C ASP A 143 -2.28 -15.09 9.81
N VAL A 144 -3.23 -15.63 10.58
CA VAL A 144 -3.14 -15.57 12.04
C VAL A 144 -2.73 -16.89 12.71
N GLY A 145 -2.18 -17.81 11.92
CA GLY A 145 -1.73 -19.10 12.44
C GLY A 145 -0.77 -18.89 13.60
N LYS A 146 -0.94 -19.68 14.65
CA LYS A 146 -0.11 -19.54 15.83
C LYS A 146 1.17 -20.38 15.84
N GLY A 147 1.39 -21.13 14.77
CA GLY A 147 2.57 -21.96 14.67
C GLY A 147 2.68 -22.48 13.26
N ALA A 148 3.85 -23.03 12.92
CA ALA A 148 4.08 -23.55 11.58
C ALA A 148 2.94 -24.43 11.07
N ALA A 149 2.42 -25.28 11.95
CA ALA A 149 1.34 -26.18 11.58
C ALA A 149 0.01 -25.49 11.30
N GLN A 150 -0.23 -24.35 11.95
CA GLN A 150 -1.48 -23.63 11.74
C GLN A 150 -1.34 -22.51 10.73
N ARG A 151 -0.13 -22.28 10.25
CA ARG A 151 0.11 -21.23 9.27
C ARG A 151 -0.54 -21.55 7.93
N GLU A 152 -1.19 -20.55 7.36
CA GLU A 152 -1.88 -20.66 6.06
C GLU A 152 -0.77 -20.59 5.01
N PHE A 153 0.26 -19.83 5.33
CA PHE A 153 1.43 -19.66 4.48
C PHE A 153 2.58 -19.55 5.48
N THR A 154 3.72 -20.15 5.15
CA THR A 154 4.88 -20.14 6.03
C THR A 154 5.90 -19.08 5.66
N GLY A 155 5.72 -18.49 4.48
CA GLY A 155 6.67 -17.47 4.06
C GLY A 155 6.34 -16.89 2.69
N LEU A 156 7.15 -15.93 2.26
CA LEU A 156 6.97 -15.27 0.98
C LEU A 156 6.94 -16.25 -0.19
N GLY A 157 7.99 -17.06 -0.31
CA GLY A 157 8.05 -18.03 -1.38
C GLY A 157 6.89 -19.00 -1.36
N ASN A 158 6.58 -19.53 -0.17
CA ASN A 158 5.50 -20.47 0.01
C ASN A 158 4.15 -19.89 -0.42
N CYS A 159 3.87 -18.66 0.01
CA CYS A 159 2.62 -17.99 -0.35
C CYS A 159 2.49 -17.92 -1.87
N ILE A 160 3.48 -17.30 -2.51
CA ILE A 160 3.48 -17.14 -3.96
C ILE A 160 3.34 -18.45 -4.72
N THR A 161 4.10 -19.47 -4.32
CA THR A 161 4.03 -20.75 -5.00
C THR A 161 2.72 -21.48 -4.74
N LYS A 162 2.29 -21.51 -3.49
CA LYS A 162 1.04 -22.18 -3.14
C LYS A 162 -0.13 -21.58 -3.94
N ILE A 163 -0.24 -20.25 -3.93
CA ILE A 163 -1.31 -19.59 -4.67
C ILE A 163 -1.17 -19.84 -6.16
N PHE A 164 0.05 -19.75 -6.67
CA PHE A 164 0.27 -19.97 -8.10
C PHE A 164 -0.27 -21.34 -8.53
N LYS A 165 0.05 -22.38 -7.76
CA LYS A 165 -0.38 -23.73 -8.07
C LYS A 165 -1.90 -23.92 -8.09
N SER A 166 -2.61 -23.22 -7.21
CA SER A 166 -4.06 -23.38 -7.15
C SER A 166 -4.85 -22.43 -8.03
N ASP A 167 -4.31 -21.25 -8.30
CA ASP A 167 -5.02 -20.26 -9.10
C ASP A 167 -4.26 -19.80 -10.33
N GLY A 168 -2.98 -20.14 -10.41
CA GLY A 168 -2.19 -19.68 -11.55
C GLY A 168 -1.85 -18.22 -11.34
N LEU A 169 -1.42 -17.54 -12.39
CA LEU A 169 -1.05 -16.12 -12.32
C LEU A 169 -2.13 -15.18 -11.81
N ARG A 170 -3.35 -15.37 -12.30
CA ARG A 170 -4.47 -14.52 -11.91
C ARG A 170 -4.62 -14.41 -10.39
N GLY A 171 -4.29 -15.50 -9.70
CA GLY A 171 -4.39 -15.50 -8.25
C GLY A 171 -3.44 -14.50 -7.60
N LEU A 172 -2.23 -14.37 -8.16
CA LEU A 172 -1.21 -13.47 -7.64
C LEU A 172 -1.44 -12.00 -7.98
N TYR A 173 -2.37 -11.73 -8.91
CA TYR A 173 -2.65 -10.36 -9.33
C TYR A 173 -4.07 -9.88 -9.00
N GLN A 174 -4.77 -10.62 -8.16
CA GLN A 174 -6.14 -10.25 -7.76
C GLN A 174 -6.20 -8.83 -7.21
N GLY A 175 -7.03 -7.98 -7.80
CA GLY A 175 -7.18 -6.62 -7.33
C GLY A 175 -6.31 -5.62 -8.08
N PHE A 176 -5.63 -6.08 -9.13
CA PHE A 176 -4.76 -5.22 -9.91
C PHE A 176 -5.44 -3.95 -10.42
N ASN A 177 -6.58 -4.10 -11.08
CA ASN A 177 -7.30 -2.96 -11.63
C ASN A 177 -7.75 -1.89 -10.64
N VAL A 178 -8.35 -2.29 -9.53
CA VAL A 178 -8.79 -1.30 -8.58
C VAL A 178 -7.57 -0.61 -7.94
N SER A 179 -6.45 -1.34 -7.86
CA SER A 179 -5.26 -0.76 -7.27
C SER A 179 -4.73 0.38 -8.14
N VAL A 180 -4.86 0.22 -9.45
CA VAL A 180 -4.42 1.24 -10.40
C VAL A 180 -5.36 2.45 -10.32
N GLN A 181 -6.65 2.18 -10.17
CA GLN A 181 -7.64 3.25 -10.03
C GLN A 181 -7.26 3.99 -8.77
N GLY A 182 -6.90 3.24 -7.74
CA GLY A 182 -6.50 3.83 -6.48
C GLY A 182 -5.27 4.70 -6.60
N ILE A 183 -4.33 4.28 -7.44
CA ILE A 183 -3.11 5.04 -7.65
C ILE A 183 -3.45 6.41 -8.23
N ILE A 184 -4.37 6.42 -9.19
CA ILE A 184 -4.79 7.66 -9.83
C ILE A 184 -5.57 8.59 -8.90
N ILE A 185 -6.50 8.03 -8.13
CA ILE A 185 -7.29 8.82 -7.20
C ILE A 185 -6.33 9.42 -6.17
N TYR A 186 -5.42 8.57 -5.67
CA TYR A 186 -4.44 9.00 -4.69
C TYR A 186 -3.59 10.16 -5.21
N ARG A 187 -3.10 10.02 -6.44
CA ARG A 187 -2.26 11.04 -7.03
C ARG A 187 -3.07 12.32 -7.26
N ALA A 188 -4.34 12.17 -7.63
CA ALA A 188 -5.19 13.31 -7.88
C ALA A 188 -5.47 14.08 -6.60
N ALA A 189 -5.71 13.33 -5.51
CA ALA A 189 -5.99 13.95 -4.22
C ALA A 189 -4.75 14.62 -3.65
N TYR A 190 -3.62 13.92 -3.76
CA TYR A 190 -2.35 14.43 -3.25
C TYR A 190 -1.98 15.78 -3.86
N PHE A 191 -1.88 15.83 -5.18
CA PHE A 191 -1.52 17.06 -5.87
C PHE A 191 -2.63 18.12 -5.76
N GLY A 192 -3.87 17.67 -5.76
CA GLY A 192 -4.99 18.59 -5.65
C GLY A 192 -4.96 19.33 -4.32
N VAL A 193 -4.72 18.59 -3.25
CA VAL A 193 -4.67 19.14 -1.91
C VAL A 193 -3.44 20.01 -1.71
N TYR A 194 -2.27 19.43 -1.99
CA TYR A 194 -1.03 20.17 -1.83
C TYR A 194 -1.07 21.47 -2.62
N ASP A 195 -1.60 21.39 -3.83
CA ASP A 195 -1.72 22.56 -4.69
C ASP A 195 -2.52 23.65 -3.98
N THR A 196 -3.73 23.30 -3.56
CA THR A 196 -4.59 24.24 -2.87
C THR A 196 -3.95 24.68 -1.56
N ALA A 197 -3.15 23.80 -0.98
CA ALA A 197 -2.47 24.09 0.28
C ALA A 197 -1.37 25.14 0.12
N LYS A 198 -0.44 24.90 -0.81
CA LYS A 198 0.66 25.82 -1.06
C LYS A 198 0.18 27.25 -1.29
N GLY A 199 -1.08 27.36 -1.66
CA GLY A 199 -1.64 28.68 -1.89
C GLY A 199 -1.98 29.34 -0.58
N MET A 200 -2.73 28.64 0.28
CA MET A 200 -3.12 29.20 1.57
C MET A 200 -2.26 28.75 2.73
N LEU A 201 -1.62 29.71 3.39
CA LEU A 201 -0.79 29.46 4.57
C LEU A 201 0.70 29.21 4.32
N PRO A 202 1.11 28.84 3.10
CA PRO A 202 2.54 28.62 3.01
C PRO A 202 3.22 29.51 1.95
N ASP A 203 3.45 30.78 2.27
CA ASP A 203 4.11 31.69 1.35
C ASP A 203 5.57 31.25 1.24
N PRO A 204 6.18 31.34 0.04
CA PRO A 204 7.57 30.92 -0.15
C PRO A 204 8.21 30.19 1.04
N LYS A 205 7.53 29.13 1.46
CA LYS A 205 7.94 28.27 2.58
C LYS A 205 9.10 28.78 3.43
N ASN A 206 8.81 29.70 4.34
CA ASN A 206 9.83 30.25 5.24
C ASN A 206 9.60 29.68 6.63
N VAL A 207 8.41 29.13 6.84
CA VAL A 207 8.02 28.55 8.12
C VAL A 207 9.00 27.49 8.60
N HIS A 208 8.93 27.21 9.89
CA HIS A 208 9.80 26.22 10.53
C HIS A 208 9.69 24.85 9.86
N ILE A 209 10.79 24.11 9.87
CA ILE A 209 10.84 22.78 9.29
C ILE A 209 9.67 21.93 9.78
N ILE A 210 9.37 22.06 11.06
CA ILE A 210 8.28 21.32 11.69
C ILE A 210 6.97 21.46 10.92
N VAL A 211 6.36 22.64 10.99
CA VAL A 211 5.11 22.89 10.31
C VAL A 211 5.18 22.49 8.83
N SER A 212 6.36 22.65 8.25
CA SER A 212 6.55 22.30 6.84
C SER A 212 6.48 20.78 6.66
N TRP A 213 6.79 20.05 7.74
CA TRP A 213 6.75 18.60 7.71
C TRP A 213 5.33 18.12 7.94
N MET A 214 4.70 18.67 8.97
CA MET A 214 3.34 18.31 9.32
C MET A 214 2.41 18.52 8.13
N ILE A 215 2.63 19.61 7.40
CA ILE A 215 1.81 19.91 6.24
C ILE A 215 1.97 18.84 5.18
N ALA A 216 3.20 18.38 4.97
CA ALA A 216 3.45 17.34 3.98
C ALA A 216 2.79 16.04 4.44
N GLN A 217 2.79 15.79 5.74
CA GLN A 217 2.18 14.59 6.29
C GLN A 217 0.67 14.65 6.18
N THR A 218 0.12 15.84 6.39
CA THR A 218 -1.31 16.05 6.30
C THR A 218 -1.81 15.77 4.90
N VAL A 219 -1.06 16.23 3.89
CA VAL A 219 -1.45 15.99 2.50
C VAL A 219 -1.45 14.48 2.21
N THR A 220 -0.47 13.78 2.77
CA THR A 220 -0.33 12.33 2.58
C THR A 220 -1.50 11.60 3.23
N ALA A 221 -1.83 11.98 4.46
CA ALA A 221 -2.92 11.36 5.19
C ALA A 221 -4.26 11.55 4.47
N VAL A 222 -4.51 12.78 4.02
CA VAL A 222 -5.75 13.06 3.31
C VAL A 222 -5.84 12.29 2.00
N ALA A 223 -4.74 12.26 1.24
CA ALA A 223 -4.74 11.54 -0.03
C ALA A 223 -4.98 10.05 0.24
N GLY A 224 -4.41 9.56 1.35
CA GLY A 224 -4.56 8.17 1.70
C GLY A 224 -5.99 7.83 2.11
N LEU A 225 -6.67 8.77 2.76
CA LEU A 225 -8.04 8.56 3.20
C LEU A 225 -9.02 8.53 2.02
N VAL A 226 -8.88 9.51 1.13
CA VAL A 226 -9.74 9.63 -0.04
C VAL A 226 -9.68 8.39 -0.92
N SER A 227 -8.50 7.79 -1.05
CA SER A 227 -8.35 6.61 -1.89
C SER A 227 -8.47 5.30 -1.11
N TYR A 228 -8.61 5.39 0.22
CA TYR A 228 -8.67 4.19 1.07
C TYR A 228 -9.69 3.14 0.62
N PRO A 229 -10.92 3.56 0.27
CA PRO A 229 -11.91 2.57 -0.16
C PRO A 229 -11.39 1.65 -1.27
N PHE A 230 -10.67 2.24 -2.22
CA PHE A 230 -10.11 1.46 -3.32
C PHE A 230 -9.09 0.45 -2.79
N ASP A 231 -8.37 0.82 -1.73
CA ASP A 231 -7.37 -0.06 -1.16
C ASP A 231 -8.04 -1.23 -0.46
N THR A 232 -9.16 -0.95 0.20
CA THR A 232 -9.89 -2.00 0.88
C THR A 232 -10.45 -3.04 -0.10
N VAL A 233 -11.10 -2.63 -1.20
CA VAL A 233 -11.61 -3.68 -2.09
C VAL A 233 -10.43 -4.42 -2.73
N ARG A 234 -9.33 -3.71 -2.96
CA ARG A 234 -8.13 -4.33 -3.51
C ARG A 234 -7.70 -5.52 -2.63
N ARG A 235 -7.49 -5.27 -1.33
CA ARG A 235 -7.06 -6.30 -0.39
C ARG A 235 -8.11 -7.40 -0.21
N ARG A 236 -9.37 -7.00 -0.18
CA ARG A 236 -10.46 -7.97 -0.02
C ARG A 236 -10.44 -8.93 -1.22
N MET A 237 -10.10 -8.41 -2.40
CA MET A 237 -10.03 -9.25 -3.58
C MET A 237 -8.82 -10.20 -3.46
N MET A 238 -7.72 -9.70 -2.91
CA MET A 238 -6.52 -10.54 -2.74
C MET A 238 -6.85 -11.72 -1.85
N MET A 239 -7.74 -11.51 -0.89
CA MET A 239 -8.13 -12.55 0.04
C MET A 239 -8.91 -13.66 -0.67
N GLN A 240 -9.37 -13.42 -1.88
CA GLN A 240 -10.12 -14.45 -2.60
C GLN A 240 -9.25 -15.52 -3.22
N SER A 241 -8.00 -15.19 -3.53
CA SER A 241 -7.10 -16.16 -4.15
C SER A 241 -7.00 -17.40 -3.26
N GLY A 242 -7.01 -18.57 -3.90
CA GLY A 242 -6.91 -19.81 -3.16
C GLY A 242 -8.27 -20.41 -2.82
N ARG A 243 -9.33 -19.60 -2.85
CA ARG A 243 -10.67 -20.09 -2.56
C ARG A 243 -11.27 -20.70 -3.83
N LYS A 244 -12.19 -21.64 -3.65
CA LYS A 244 -12.82 -22.27 -4.82
C LYS A 244 -14.32 -22.33 -4.69
N GLY A 245 -14.96 -22.50 -5.84
CA GLY A 245 -16.41 -22.62 -5.89
C GLY A 245 -17.20 -21.63 -5.07
N ALA A 246 -18.19 -22.16 -4.34
CA ALA A 246 -19.06 -21.36 -3.50
C ALA A 246 -18.31 -20.68 -2.36
N ASP A 247 -17.03 -20.99 -2.20
CA ASP A 247 -16.26 -20.39 -1.14
C ASP A 247 -15.86 -18.96 -1.48
N ILE A 248 -15.91 -18.64 -2.76
CA ILE A 248 -15.55 -17.31 -3.24
C ILE A 248 -16.56 -16.26 -2.79
N MET A 249 -16.09 -15.27 -2.05
CA MET A 249 -16.94 -14.21 -1.53
C MET A 249 -17.27 -13.15 -2.56
N TYR A 250 -16.33 -12.87 -3.46
CA TYR A 250 -16.52 -11.85 -4.49
C TYR A 250 -16.16 -12.39 -5.87
N THR A 251 -17.08 -12.26 -6.81
CA THR A 251 -16.87 -12.75 -8.18
C THR A 251 -16.07 -11.76 -9.02
N GLY A 252 -16.02 -10.51 -8.57
CA GLY A 252 -15.28 -9.49 -9.29
C GLY A 252 -15.20 -8.23 -8.46
N THR A 253 -14.42 -7.25 -8.92
CA THR A 253 -14.25 -6.00 -8.22
C THR A 253 -15.58 -5.30 -7.93
N VAL A 254 -16.43 -5.22 -8.95
CA VAL A 254 -17.72 -4.58 -8.81
C VAL A 254 -18.55 -5.30 -7.76
N ASP A 255 -18.53 -6.63 -7.82
CA ASP A 255 -19.26 -7.44 -6.86
C ASP A 255 -18.71 -7.19 -5.46
N CYS A 256 -17.41 -6.95 -5.38
CA CYS A 256 -16.77 -6.68 -4.10
C CYS A 256 -17.32 -5.37 -3.52
N TRP A 257 -17.27 -4.30 -4.31
CA TRP A 257 -17.79 -3.01 -3.86
C TRP A 257 -19.22 -3.16 -3.31
N ARG A 258 -20.07 -3.85 -4.06
CA ARG A 258 -21.46 -4.04 -3.64
C ARG A 258 -21.60 -4.86 -2.38
N LYS A 259 -20.87 -5.98 -2.31
CA LYS A 259 -20.93 -6.86 -1.16
C LYS A 259 -20.54 -6.16 0.14
N ILE A 260 -19.41 -5.46 0.12
CA ILE A 260 -18.95 -4.75 1.31
C ILE A 260 -20.01 -3.75 1.74
N ALA A 261 -20.50 -2.97 0.78
CA ALA A 261 -21.51 -1.96 1.06
C ALA A 261 -22.78 -2.57 1.68
N LYS A 262 -23.25 -3.67 1.12
CA LYS A 262 -24.47 -4.30 1.60
C LYS A 262 -24.32 -5.18 2.84
N ASP A 263 -23.25 -5.96 2.91
CA ASP A 263 -23.05 -6.83 4.08
C ASP A 263 -22.44 -6.15 5.29
N GLU A 264 -21.63 -5.12 5.06
CA GLU A 264 -20.95 -4.46 6.17
C GLU A 264 -21.26 -2.99 6.41
N GLY A 265 -21.75 -2.30 5.39
CA GLY A 265 -22.04 -0.88 5.56
C GLY A 265 -20.95 -0.03 4.92
N PRO A 266 -21.29 1.19 4.49
CA PRO A 266 -20.36 2.12 3.85
C PRO A 266 -19.13 2.47 4.69
N LYS A 267 -19.29 2.48 6.00
CA LYS A 267 -18.18 2.80 6.89
C LYS A 267 -17.13 1.71 6.85
N ALA A 268 -17.55 0.48 6.54
CA ALA A 268 -16.64 -0.65 6.49
C ALA A 268 -15.49 -0.49 5.49
N PHE A 269 -15.67 0.35 4.48
CA PHE A 269 -14.61 0.57 3.50
C PHE A 269 -13.40 1.21 4.17
N PHE A 270 -13.62 1.82 5.34
CA PHE A 270 -12.54 2.48 6.07
C PHE A 270 -12.01 1.69 7.26
N LYS A 271 -12.30 0.39 7.31
CA LYS A 271 -11.77 -0.43 8.40
C LYS A 271 -10.24 -0.41 8.28
N GLY A 272 -9.58 0.04 9.34
CA GLY A 272 -8.13 0.11 9.32
C GLY A 272 -7.61 1.45 8.84
N ALA A 273 -8.49 2.31 8.35
CA ALA A 273 -8.07 3.61 7.84
C ALA A 273 -7.30 4.48 8.85
N TRP A 274 -7.71 4.47 10.13
CA TRP A 274 -6.99 5.26 11.13
C TRP A 274 -5.58 4.68 11.31
N SER A 275 -5.52 3.36 11.42
CA SER A 275 -4.24 2.66 11.56
C SER A 275 -3.34 3.05 10.38
N ASN A 276 -3.95 3.15 9.20
CA ASN A 276 -3.20 3.52 8.01
C ASN A 276 -2.62 4.92 8.13
N VAL A 277 -3.39 5.83 8.70
CA VAL A 277 -2.92 7.21 8.88
C VAL A 277 -1.69 7.18 9.77
N LEU A 278 -1.77 6.42 10.86
CA LEU A 278 -0.66 6.30 11.80
C LEU A 278 0.56 5.69 11.14
N ARG A 279 0.34 4.61 10.39
CA ARG A 279 1.40 3.92 9.69
C ARG A 279 2.15 4.90 8.79
N GLY A 280 1.40 5.68 8.01
CA GLY A 280 2.02 6.66 7.12
C GLY A 280 2.85 7.70 7.86
N MET A 281 2.33 8.20 8.98
CA MET A 281 3.05 9.19 9.75
C MET A 281 4.34 8.63 10.33
N GLY A 282 4.23 7.48 11.00
CA GLY A 282 5.39 6.84 11.59
C GLY A 282 6.44 6.51 10.55
N GLY A 283 5.98 6.10 9.37
CA GLY A 283 6.89 5.75 8.30
C GLY A 283 7.77 6.94 7.94
N ALA A 284 7.13 8.09 7.75
CA ALA A 284 7.84 9.31 7.39
C ALA A 284 8.74 9.80 8.53
N PHE A 285 8.31 9.56 9.76
CA PHE A 285 9.07 9.98 10.94
C PHE A 285 10.36 9.15 11.09
N VAL A 286 10.32 7.88 10.68
CA VAL A 286 11.50 7.03 10.79
C VAL A 286 12.54 7.41 9.73
N LEU A 287 12.08 7.89 8.58
CA LEU A 287 12.99 8.30 7.52
C LEU A 287 13.80 9.53 7.96
N VAL A 288 13.11 10.50 8.55
CA VAL A 288 13.79 11.70 9.03
C VAL A 288 14.71 11.28 10.17
N LEU A 289 14.22 10.40 11.03
CA LEU A 289 14.98 9.89 12.15
C LEU A 289 16.20 9.15 11.62
N TYR A 290 16.01 8.47 10.49
CA TYR A 290 17.06 7.71 9.84
C TYR A 290 18.10 8.59 9.14
N ASP A 291 17.62 9.53 8.33
CA ASP A 291 18.50 10.44 7.60
C ASP A 291 19.35 11.26 8.55
N GLU A 292 18.94 11.30 9.82
CA GLU A 292 19.67 12.04 10.85
C GLU A 292 20.41 11.06 11.75
N ILE A 293 21.26 10.24 11.15
CA ILE A 293 22.04 9.25 11.89
C ILE A 293 22.93 8.43 10.95
C1 CXT B . 2.91 6.13 -5.61
O1 CXT B . 2.63 7.55 -5.31
S1 CXT B . 7.45 6.02 -7.62
C2 CXT B . 4.12 5.96 -6.49
O2 CXT B . 3.02 5.57 -4.43
S2 CXT B . 6.19 10.25 -7.27
C3 CXT B . 5.26 6.92 -6.31
O3 CXT B . 4.75 4.68 -6.38
C4 CXT B . 4.71 8.35 -6.32
O4 CXT B . 6.09 6.75 -7.42
C5 CXT B . 3.76 8.47 -5.10
O5 CXT B . 5.84 9.19 -6.16
C6 CXT B . 3.03 9.77 -4.85
O6 CXT B . 7.29 4.61 -7.88
C7 CXT B . 4.23 3.65 -7.37
O7 CXT B . 7.97 6.81 -8.66
C8 CXT B . 4.64 2.37 -6.62
O8 CXT B . 8.16 6.15 -6.41
C9 CXT B . 4.33 0.93 -7.22
O9 CXT B . 7.37 10.76 -6.61
C10 CXT B . 4.82 -0.23 -6.38
O10 CXT B . 5.09 11.22 -7.33
C11 CXT B . 2.82 0.83 -7.31
O11 CXT B . 6.46 9.61 -8.57
O12 CXT B . 2.07 10.35 -5.72
O13 CXT B . 3.70 3.76 -8.36
C21 CXT B . 0.26 4.47 -4.27
O21 CXT B . -3.75 -0.18 -2.84
C22 CXT B . 1.74 4.89 -4.03
O22 CXT B . 2.75 0.61 -1.97
C23 CXT B . 2.63 3.73 -3.49
O23 CXT B . 4.33 2.02 -1.46
C24 CXT B . 2.13 3.03 -2.18
O24 CXT B . 2.76 5.07 -0.94
C25 CXT B . 0.62 2.46 -2.64
O25 CXT B . 1.90 3.47 0.26
C26 CXT B . -0.10 1.66 -1.43
C27 CXT B . -1.36 0.88 -2.02
C28 CXT B . -2.46 1.82 -2.57
C29 CXT B . -1.77 2.97 -3.59
C30 CXT B . -0.44 3.69 -3.08
C31 CXT B . -2.93 4.00 -4.10
C32 CXT B . -4.08 4.30 -3.07
C33 CXT B . -4.49 3.01 -2.29
C34 CXT B . -3.28 2.49 -1.46
C35 CXT B . -3.58 0.99 -3.43
C36 CXT B . -4.84 1.81 -3.21
C37 CXT B . 3.17 1.87 -1.83
C38 CXT B . 2.24 3.88 -0.83
C39 CXT B . -0.75 4.85 -1.99
C40 CXT B . -6.13 1.55 -3.76
C1 CDL C . 9.99 -15.67 4.77
O1 CDL C . 11.34 -15.60 4.29
CA2 CDL C . 9.70 -14.21 5.16
OA2 CDL C . 8.36 -14.18 5.65
PA1 CDL C . 7.71 -12.80 6.12
OA3 CDL C . 6.36 -13.20 6.52
OA4 CDL C . 7.71 -11.76 5.07
OA5 CDL C . 8.55 -12.36 7.40
CA3 CDL C . 9.17 -11.09 7.42
CA4 CDL C . 10.31 -11.25 8.41
OA6 CDL C . 10.17 -10.45 9.65
CA5 CDL C . 10.74 -10.97 10.79
OA7 CDL C . 10.94 -12.16 10.96
C11 CDL C . 11.08 -9.94 11.84
C12 CDL C . 12.29 -9.09 11.51
C13 CDL C . 12.71 -8.28 12.72
C14 CDL C . 12.40 -6.81 12.59
C15 CDL C . 12.83 -6.03 13.82
C16 CDL C . 13.35 -4.64 13.44
CA6 CDL C . 11.58 -10.89 7.66
OA8 CDL C . 11.81 -9.45 7.82
CA7 CDL C . 12.97 -9.00 7.23
OA9 CDL C . 13.70 -9.78 6.64
C31 CDL C . 13.19 -7.51 7.43
C32 CDL C . 14.62 -7.13 7.82
C33 CDL C . 15.44 -6.77 6.58
C34 CDL C . 16.39 -7.88 6.13
C35 CDL C . 17.17 -7.47 4.90
C36 CDL C . 17.74 -8.65 4.14
C37 CDL C . 18.57 -8.28 2.93
C38 CDL C . 19.12 -9.51 2.23
C39 CDL C . 20.49 -9.28 1.59
C40 CDL C . 21.07 -10.50 0.87
C41 CDL C . 20.68 -10.58 -0.62
C42 CDL C . 21.87 -10.53 -1.55
C43 CDL C . 21.50 -10.27 -3.01
CB2 CDL C . 9.93 -16.61 5.97
OB2 CDL C . 10.79 -16.16 7.01
PB2 CDL C . 10.56 -16.32 8.58
OB3 CDL C . 9.15 -16.11 8.94
OB4 CDL C . 11.03 -17.67 9.01
OB5 CDL C . 11.44 -15.19 9.34
CB3 CDL C . 12.88 -15.30 9.22
CB4 CDL C . 13.45 -14.04 8.51
OB6 CDL C . 14.09 -14.45 7.24
CB5 CDL C . 13.97 -13.73 6.10
OB7 CDL C . 12.87 -13.35 5.77
C51 CDL C . 15.24 -13.50 5.33
C52 CDL C . 15.21 -13.45 3.82
C53 CDL C . 16.60 -13.19 3.23
C54 CDL C . 16.59 -12.44 1.90
CB6 CDL C . 14.47 -13.46 9.46
OB8 CDL C . 15.16 -12.23 9.03
CB7 CDL C . 15.88 -11.53 9.96
OB9 CDL C . 15.94 -11.92 11.12
C71 CDL C . 16.56 -10.29 9.43
C72 CDL C . 17.94 -10.60 8.88
C1 CDL D . -10.68 1.90 15.97
O1 CDL D . -11.24 3.11 15.40
CA2 CDL D . -9.83 2.46 17.12
OA2 CDL D . -9.24 1.35 17.83
PA1 CDL D . -8.97 1.50 19.41
OA3 CDL D . -8.38 0.20 19.79
OA4 CDL D . -10.22 1.79 20.18
OA5 CDL D . -7.90 2.68 19.55
CA3 CDL D . -8.23 3.84 20.36
CA4 CDL D . -7.27 5.02 20.04
OA6 CDL D . -7.96 6.33 19.91
CA5 CDL D . -7.41 7.39 20.59
OA7 CDL D . -6.99 7.29 21.74
C11 CDL D . -7.42 8.68 19.82
C12 CDL D . -6.04 9.28 19.56
C13 CDL D . -6.15 10.61 18.84
C14 CDL D . -4.84 11.32 18.65
C15 CDL D . -4.99 12.65 17.93
C16 CDL D . -4.58 13.82 18.82
CA6 CDL D . -6.51 4.75 18.74
OA8 CDL D . -5.35 3.94 19.12
CA7 CDL D . -4.12 4.54 18.97
OA9 CDL D . -4.06 5.68 18.54
C31 CDL D . -2.99 3.63 19.38
CB2 CDL D . -9.85 1.19 14.92
OB2 CDL D . -9.48 2.11 13.87
PB2 CDL D . -9.38 1.82 12.31
OB3 CDL D . -7.96 1.75 11.91
OB4 CDL D . -10.10 0.56 11.97
OB5 CDL D . -10.08 3.05 11.48
CB3 CDL D . -11.48 3.35 11.80
CB4 CDL D . -11.97 4.73 11.20
OB6 CDL D . -12.89 4.47 10.08
CB5 CDL D . -14.05 5.16 9.91
OB7 CDL D . -14.95 5.02 10.72
C51 CDL D . -14.12 6.03 8.69
C52 CDL D . -14.30 7.53 8.77
C53 CDL D . -14.33 8.15 7.37
C54 CDL D . -13.08 8.93 7.00
C55 CDL D . -13.20 9.64 5.65
C56 CDL D . -11.94 10.42 5.31
C57 CDL D . -12.18 11.34 4.12
C58 CDL D . -11.17 12.48 4.08
CB6 CDL D . -10.77 5.52 10.73
OB8 CDL D . -11.00 6.84 10.13
CB7 CDL D . -10.69 7.96 10.86
OB9 CDL D . -10.23 7.87 11.98
C71 CDL D . -10.96 9.27 10.13
C72 CDL D . -9.80 10.25 10.27
CA3 CDL E . -5.78 -9.27 -13.13
CA4 CDL E . -5.45 -9.89 -14.51
OA6 CDL E . -3.99 -10.00 -14.88
CA5 CDL E . -3.19 -8.87 -14.94
OA7 CDL E . -2.95 -8.18 -13.96
C11 CDL E . -2.66 -8.56 -16.33
C12 CDL E . -1.27 -7.94 -16.39
C13 CDL E . -1.35 -6.43 -16.17
C14 CDL E . -1.28 -5.59 -17.43
C15 CDL E . -1.38 -4.11 -17.10
C16 CDL E . -0.77 -3.21 -18.16
C17 CDL E . -0.88 -1.74 -17.80
C18 CDL E . -0.27 -0.83 -18.86
C19 CDL E . -0.38 0.66 -18.50
C20 CDL E . -1.76 1.27 -18.71
C21 CDL E . -1.89 2.76 -18.35
C22 CDL E . -2.70 2.99 -17.08
C23 CDL E . -3.78 4.05 -17.23
C24 CDL E . -3.25 5.46 -17.00
CA6 CDL E . -6.24 -9.12 -15.59
OA8 CDL E . -6.02 -7.67 -15.38
CA7 CDL E . -6.01 -6.88 -16.51
OA9 CDL E . -6.19 -7.38 -17.61
C31 CDL E . -5.78 -5.43 -16.17
C32 CDL E . -5.47 -4.50 -17.31
C33 CDL E . -4.83 -3.23 -16.78
C34 CDL E . -5.47 -1.95 -17.29
C35 CDL E . -4.78 -0.72 -16.71
C36 CDL E . -5.75 0.30 -16.16
C37 CDL E . -6.50 -0.12 -14.90
C38 CDL E . -7.44 0.98 -14.42
C39 CDL E . -8.78 1.00 -15.15
C40 CDL E . -9.74 2.10 -14.68
C41 CDL E . -9.40 3.49 -15.24
C42 CDL E . -10.22 4.60 -14.60
C43 CDL E . -9.95 5.96 -15.20
N1 LDM F . -22.41 0.99 -4.13
O1 LDM F . -23.18 0.34 -3.42
C1 LDM F . -21.00 1.10 -3.55
C3 LDM F . -19.59 2.78 -2.15
C4 LDM F . -18.28 4.04 -0.50
C5 LDM F . -18.07 4.38 0.98
C7 LDM F . -18.19 6.39 2.52
C8 LDM F . -17.89 7.94 2.67
C10 LDM F . -17.28 9.64 4.46
C11 LDM F . -18.48 10.17 5.27
C12 LDM F . -18.26 11.64 5.61
CM1 LDM F . -22.33 0.31 -5.40
CM2 LDM F . -22.88 2.28 -4.57
C2 LDM F . -20.81 1.80 -2.14
C9 LDM F . -17.59 8.16 4.16
N2 LDM F . -19.29 3.19 -0.78
O2 LDM F . -17.54 4.52 -1.39
C6 LDM F . -17.80 5.89 1.16
N1 LDM G . -17.26 3.65 -6.88
O1 LDM G . -16.92 2.63 -6.29
C1 LDM G . -16.46 4.89 -6.48
C3 LDM G . -15.35 6.38 -4.66
C4 LDM G . -14.28 7.35 -2.71
C5 LDM G . -14.23 7.45 -1.18
C7 LDM G . -14.05 9.29 0.57
C8 LDM G . -14.53 10.74 0.98
C10 LDM G . -13.84 13.16 0.61
C11 LDM G . -12.82 13.96 -0.22
C12 LDM G . -13.04 15.45 -0.02
CM1 LDM G . -17.03 3.41 -8.30
CM2 LDM G . -18.67 3.94 -6.89
C2 LDM G . -16.52 5.38 -4.97
C9 LDM G . -13.52 11.69 0.31
N2 LDM G . -15.23 6.54 -3.22
C14 LDM G . -10.87 16.68 0.10
C15 LDM G . -9.76 17.49 -0.62
O2 LDM G . -13.48 7.99 -3.41
C6 LDM G . -14.67 8.86 -0.73
C13 LDM G . -11.97 16.26 -0.88
O12 PC1 H . 9.05 -20.31 2.33
P PC1 H . 9.93 -19.12 2.52
O14 PC1 H . 9.23 -17.81 2.30
O13 PC1 H . 10.50 -19.18 4.06
C11 PC1 H . 11.22 -20.28 4.64
C12 PC1 H . 10.12 -21.23 5.25
N PC1 H . 10.12 -21.21 6.81
C13 PC1 H . 9.04 -20.32 7.32
C14 PC1 H . 9.85 -22.61 7.30
C15 PC1 H . 11.41 -20.76 7.42
O11 PC1 H . 11.20 -19.22 1.52
C1 PC1 H . 12.10 -18.13 1.61
C2 PC1 H . 13.25 -18.33 0.65
O21 PC1 H . 14.52 -18.20 1.29
C21 PC1 H . 15.07 -19.53 1.94
O22 PC1 H . 14.34 -20.42 2.45
C22 PC1 H . 16.59 -19.72 1.94
C23 PC1 H . 17.31 -18.55 1.26
C24 PC1 H . 18.02 -17.62 2.23
C25 PC1 H . 18.69 -16.49 1.42
C26 PC1 H . 20.07 -16.11 1.94
C3 PC1 H . 13.05 -17.12 -0.30
O31 PC1 H . 13.75 -15.97 0.26
C31 PC1 H . 13.59 -14.75 -0.63
O32 PC1 H . 12.55 -14.06 -0.69
C32 PC1 H . 14.85 -14.49 -1.46
C33 PC1 H . 14.88 -13.06 -1.99
C34 PC1 H . 16.28 -12.67 -2.37
O12 PC1 I . -4.94 23.04 -19.95
P PC1 I . -6.25 23.71 -19.72
O14 PC1 I . -6.45 24.20 -18.30
O13 PC1 I . -6.35 24.99 -20.74
C11 PC1 I . -6.22 24.94 -22.17
C12 PC1 I . -5.38 26.20 -22.56
N PC1 I . -6.28 27.29 -23.23
C13 PC1 I . -7.39 27.74 -22.34
C14 PC1 I . -5.42 28.47 -23.57
C15 PC1 I . -6.86 26.77 -24.52
O11 PC1 I . -7.46 22.68 -20.09
C1 PC1 I . -8.76 23.22 -19.92
C2 PC1 I . -9.89 22.22 -20.26
O21 PC1 I . -10.00 21.19 -19.27
C21 PC1 I . -11.41 21.01 -18.63
O22 PC1 I . -12.27 21.92 -18.47
C22 PC1 I . -11.73 19.58 -18.18
C23 PC1 I . -11.17 19.38 -16.78
C24 PC1 I . -11.96 18.39 -15.93
C25 PC1 I . -11.28 18.28 -14.54
C3 PC1 I . -9.39 21.55 -21.57
O31 PC1 I . -8.61 20.37 -21.20
C31 PC1 I . -8.06 19.61 -22.40
O32 PC1 I . -8.34 19.83 -23.60
C32 PC1 I . -7.07 18.52 -21.95
C33 PC1 I . -7.83 17.34 -21.38
C34 PC1 I . -7.58 17.23 -19.90
C35 PC1 I . -8.86 17.00 -19.13
C36 PC1 I . -8.50 16.76 -17.68
C37 PC1 I . -8.83 15.35 -17.22
C38 PC1 I . -8.43 15.22 -15.76
C39 PC1 I . -8.41 13.74 -15.36
C3A PC1 I . -9.64 13.39 -14.54
C3B PC1 I . -10.57 12.49 -15.34
C3C PC1 I . -11.83 12.09 -14.58
C3D PC1 I . -13.02 12.86 -15.12
C3E PC1 I . -13.54 13.91 -14.14
C3F PC1 I . -15.01 14.20 -14.43
C3G PC1 I . -15.81 14.31 -13.14
C3H PC1 I . -17.23 13.78 -13.34
C3I PC1 I . -18.09 14.17 -12.15
O12 PC1 J . 8.46 -14.33 18.69
P PC1 J . 9.52 -14.18 19.74
O14 PC1 J . 8.95 -14.18 21.15
O13 PC1 J . 10.55 -15.44 19.64
C11 PC1 J . 11.31 -15.83 18.48
C12 PC1 J . 12.04 -17.14 18.93
N PC1 J . 12.97 -17.68 17.82
C13 PC1 J . 13.99 -16.68 17.40
C14 PC1 J . 13.67 -18.91 18.33
C15 PC1 J . 12.16 -18.10 16.62
O11 PC1 J . 10.34 -12.79 19.52
C1 PC1 J . 11.38 -12.59 20.48
C2 PC1 J . 12.17 -11.29 20.36
O21 PC1 J . 11.40 -10.17 20.85
C21 PC1 J . 11.79 -9.67 22.27
O22 PC1 J . 12.70 -10.16 23.00
C22 PC1 J . 10.96 -8.47 22.78
C23 PC1 J . 11.83 -7.23 22.76
C24 PC1 J . 11.58 -6.32 21.56
C25 PC1 J . 12.52 -5.10 21.65
C26 PC1 J . 13.68 -5.16 20.67
C27 PC1 J . 15.00 -5.35 21.41
C3 PC1 J . 12.38 -11.06 18.86
O31 PC1 J . 12.94 -9.72 18.75
C31 PC1 J . 13.21 -9.32 17.31
O32 PC1 J . 14.12 -9.80 16.58
C32 PC1 J . 12.24 -8.24 16.82
O12 PC1 K . -16.42 3.33 16.30
P PC1 K . -15.13 3.40 15.53
O14 PC1 K . -14.01 2.61 16.16
O13 PC1 K . -15.41 2.80 14.03
O11 PC1 K . -14.68 4.95 15.36
C1 PC1 K . -13.48 5.12 14.63
C2 PC1 K . -13.03 6.58 14.47
O21 PC1 K . -12.72 7.18 15.74
C21 PC1 K . -11.24 6.97 16.25
O22 PC1 K . -10.51 5.96 16.02
C22 PC1 K . -10.69 8.12 17.09
C23 PC1 K . -9.59 8.84 16.33
C24 PC1 K . -9.99 10.20 15.78
C25 PC1 K . -8.78 10.80 15.02
C26 PC1 K . -9.02 12.21 14.51
C27 PC1 K . -7.99 13.16 15.11
C3 PC1 K . -14.29 7.28 13.94
O31 PC1 K . -13.84 8.29 12.98
C31 PC1 K . -15.01 9.06 12.38
O32 PC1 K . -16.19 8.67 12.28
C32 PC1 K . -14.55 10.44 11.86
#